data_6JKM
#
_entry.id   6JKM
#
_cell.length_a   59.333
_cell.length_b   61.979
_cell.length_c   96.232
_cell.angle_alpha   90.000
_cell.angle_beta   90.000
_cell.angle_gamma   90.000
#
_symmetry.space_group_name_H-M   'P 21 21 21'
#
loop_
_entity.id
_entity.type
_entity.pdbx_description
1 polymer 'Mitotic checkpoint control protein kinase BUB1'
2 non-polymer "ADENOSINE-5'-DIPHOSPHATE"
3 non-polymer 'MAGNESIUM ION'
4 non-polymer GLYCEROL
5 water water
#
_entity_poly.entity_id   1
_entity_poly.type   'polypeptide(L)'
_entity_poly.pdbx_seq_one_letter_code
;GAMDPEFNPFNVELISSLLESIDFSMYIEKLPHCQLVGHVKRLHPNTHLEVHNEKFEVSKMIGKGAYGSVYVGKHLKSGK
KVALKQERPTNYWEFYICLEIHSRLTSEQMIPSYAHIDYALVGNNSSVYISEFSDYGSLIGVCNKVKSVTNRNMDEYVVM
HLSCQMLDIVDHLHAMGIIHADIKPDNFLLMKPICADPNEVSLQLIDFGVSIDMKLFPDNQTFNYVHHDDLFKCIEMRTG
RPWTYQLDLYGLVSVMHVLLFGRYMEVVQRSPSTIWMPKTNVPRYFQRTMWENIFRTLLNIRDCRTMPNLQQLRTQLKCA
LAEKEKYVAEAISKFNTILQK
;
_entity_poly.pdbx_strand_id   A
#
# COMPACT_ATOMS: atom_id res chain seq x y z
N PHE A 7 -1.25 -12.11 -21.14
CA PHE A 7 -2.39 -11.94 -20.24
C PHE A 7 -2.24 -10.63 -19.43
N ASN A 8 -3.33 -9.86 -19.37
CA ASN A 8 -3.37 -8.60 -18.62
C ASN A 8 -4.41 -8.62 -17.50
N PRO A 9 -3.93 -8.74 -16.25
CA PRO A 9 -4.81 -8.91 -15.10
C PRO A 9 -5.51 -7.62 -14.68
N PHE A 10 -5.18 -6.51 -15.33
CA PHE A 10 -5.81 -5.23 -15.01
C PHE A 10 -6.91 -4.87 -16.02
N ASN A 11 -7.13 -5.76 -16.99
CA ASN A 11 -8.08 -5.47 -18.05
C ASN A 11 -9.50 -5.33 -17.50
N VAL A 12 -10.09 -4.17 -17.75
CA VAL A 12 -11.40 -3.79 -17.21
C VAL A 12 -12.50 -4.80 -17.54
N GLU A 13 -12.47 -5.36 -18.75
CA GLU A 13 -13.47 -6.37 -19.12
C GLU A 13 -13.24 -7.69 -18.39
N LEU A 14 -11.98 -8.02 -18.14
CA LEU A 14 -11.64 -9.22 -17.36
C LEU A 14 -12.21 -9.09 -15.95
N ILE A 15 -11.99 -7.93 -15.33
CA ILE A 15 -12.45 -7.66 -13.97
C ILE A 15 -13.98 -7.78 -13.87
N SER A 16 -14.68 -7.25 -14.85
CA SER A 16 -16.14 -7.38 -14.90
C SER A 16 -16.52 -8.83 -14.96
N SER A 17 -15.83 -9.57 -15.82
CA SER A 17 -16.09 -10.99 -15.98
C SER A 17 -15.85 -11.73 -14.68
N LEU A 18 -14.73 -11.44 -14.02
CA LEU A 18 -14.40 -12.09 -12.78
C LEU A 18 -15.46 -11.86 -11.70
N LEU A 19 -15.88 -10.61 -11.54
CA LEU A 19 -16.88 -10.26 -10.51
C LEU A 19 -18.22 -10.92 -10.79
N GLU A 20 -18.59 -11.01 -12.05
CA GLU A 20 -19.85 -11.66 -12.40
C GLU A 20 -19.78 -13.15 -12.13
N SER A 21 -18.63 -13.76 -12.41
CA SER A 21 -18.43 -15.19 -12.20
C SER A 21 -18.60 -15.61 -10.74
N ILE A 22 -18.40 -14.67 -9.82
CA ILE A 22 -18.57 -15.00 -8.40
C ILE A 22 -19.77 -14.30 -7.80
N ASP A 23 -20.64 -13.75 -8.66
CA ASP A 23 -21.87 -13.09 -8.22
C ASP A 23 -21.62 -12.02 -7.16
N PHE A 24 -20.63 -11.17 -7.41
CA PHE A 24 -20.25 -10.18 -6.41
C PHE A 24 -21.41 -9.25 -6.07
N SER A 25 -22.15 -8.83 -7.08
CA SER A 25 -23.22 -7.87 -6.88
C SER A 25 -24.29 -8.43 -5.95
N MET A 26 -24.67 -9.68 -6.19
CA MET A 26 -25.64 -10.36 -5.35
C MET A 26 -25.14 -10.39 -3.89
N TYR A 27 -23.82 -10.55 -3.71
CA TYR A 27 -23.27 -10.64 -2.36
C TYR A 27 -23.32 -9.30 -1.62
N ILE A 28 -22.87 -8.21 -2.25
CA ILE A 28 -22.81 -6.96 -1.50
C ILE A 28 -24.19 -6.40 -1.20
N GLU A 29 -25.19 -6.78 -1.99
CA GLU A 29 -26.58 -6.40 -1.70
C GLU A 29 -27.08 -6.92 -0.34
N LYS A 30 -26.41 -7.93 0.20
CA LYS A 30 -26.77 -8.54 1.48
C LYS A 30 -26.04 -7.92 2.69
N LEU A 31 -25.02 -7.12 2.41
CA LEU A 31 -24.15 -6.62 3.49
C LEU A 31 -24.74 -5.40 4.17
N PRO A 32 -24.90 -5.46 5.50
CA PRO A 32 -25.54 -4.36 6.23
C PRO A 32 -24.76 -3.06 6.21
N HIS A 33 -23.43 -3.10 6.03
CA HIS A 33 -22.65 -1.85 5.97
C HIS A 33 -22.55 -1.28 4.56
N CYS A 34 -23.25 -1.92 3.63
CA CYS A 34 -23.27 -1.46 2.25
C CYS A 34 -24.70 -1.02 1.89
N GLN A 35 -24.84 0.19 1.36
CA GLN A 35 -26.13 0.63 0.85
C GLN A 35 -26.11 0.85 -0.65
N LEU A 36 -26.91 0.08 -1.37
CA LEU A 36 -27.15 0.33 -2.79
C LEU A 36 -28.10 1.48 -2.97
N VAL A 37 -27.77 2.41 -3.87
CA VAL A 37 -28.67 3.52 -4.19
C VAL A 37 -28.66 3.78 -5.69
N GLY A 38 -29.63 4.55 -6.17
CA GLY A 38 -29.70 4.86 -7.58
C GLY A 38 -28.60 5.84 -7.99
N HIS A 39 -28.44 6.90 -7.21
CA HIS A 39 -27.53 7.98 -7.59
C HIS A 39 -26.76 8.51 -6.39
N VAL A 40 -25.44 8.49 -6.49
CA VAL A 40 -24.59 9.05 -5.47
C VAL A 40 -24.12 10.43 -5.90
N LYS A 41 -24.38 11.42 -5.05
CA LYS A 41 -23.98 12.79 -5.28
C LYS A 41 -22.46 12.96 -5.18
N ARG A 42 -21.93 13.97 -5.87
CA ARG A 42 -20.55 14.37 -5.72
C ARG A 42 -20.29 14.87 -4.31
N LEU A 43 -19.19 14.40 -3.72
CA LEU A 43 -18.78 14.89 -2.40
C LEU A 43 -18.52 16.39 -2.48
N HIS A 44 -18.90 17.11 -1.44
CA HIS A 44 -18.74 18.55 -1.41
C HIS A 44 -18.42 18.95 0.03
N PRO A 45 -17.52 19.93 0.21
CA PRO A 45 -17.13 20.38 1.55
C PRO A 45 -18.30 20.88 2.39
N ASN A 46 -18.20 20.73 3.71
CA ASN A 46 -19.20 21.26 4.64
C ASN A 46 -20.61 20.78 4.38
N THR A 47 -20.75 19.51 4.04
CA THR A 47 -22.07 18.91 3.85
C THR A 47 -22.22 17.68 4.74
N HIS A 48 -23.34 16.99 4.61
CA HIS A 48 -23.52 15.75 5.34
C HIS A 48 -23.87 14.62 4.41
N LEU A 49 -23.48 13.42 4.81
CA LEU A 49 -23.67 12.25 3.99
C LEU A 49 -24.23 11.13 4.88
N GLU A 50 -25.15 10.34 4.34
CA GLU A 50 -25.73 9.26 5.14
C GLU A 50 -25.51 7.90 4.47
N VAL A 51 -25.15 6.91 5.28
CA VAL A 51 -25.18 5.54 4.80
C VAL A 51 -26.12 4.80 5.71
N HIS A 52 -27.26 4.41 5.16
CA HIS A 52 -28.39 3.96 5.96
C HIS A 52 -28.74 5.02 7.01
N ASN A 53 -28.69 4.56 8.23
CA ASN A 53 -28.86 5.22 9.52
C ASN A 53 -27.69 6.09 10.04
N GLU A 54 -26.52 5.88 9.44
CA GLU A 54 -25.29 6.54 9.92
C GLU A 54 -25.08 7.88 9.21
N LYS A 55 -24.89 8.97 9.97
CA LYS A 55 -24.62 10.27 9.36
C LYS A 55 -23.15 10.70 9.53
N PHE A 56 -22.61 11.30 8.48
CA PHE A 56 -21.21 11.74 8.44
C PHE A 56 -21.13 13.20 8.01
N GLU A 57 -20.27 13.98 8.66
CA GLU A 57 -19.86 15.28 8.14
C GLU A 57 -18.88 15.03 7.02
N VAL A 58 -19.01 15.78 5.94
CA VAL A 58 -17.99 15.78 4.90
C VAL A 58 -17.29 17.14 5.00
N SER A 59 -16.03 17.14 5.42
CA SER A 59 -15.38 18.38 5.86
C SER A 59 -14.55 19.07 4.78
N LYS A 60 -13.40 18.49 4.45
CA LYS A 60 -12.43 19.13 3.53
C LYS A 60 -11.88 18.16 2.50
N MET A 61 -11.52 18.70 1.35
CA MET A 61 -10.97 17.87 0.28
C MET A 61 -9.53 17.49 0.62
N ILE A 62 -9.16 16.24 0.38
CA ILE A 62 -7.74 15.84 0.49
C ILE A 62 -7.12 15.73 -0.89
N GLY A 63 -7.72 14.92 -1.76
CA GLY A 63 -7.28 14.84 -3.14
C GLY A 63 -8.48 14.83 -4.07
N LYS A 64 -8.30 15.32 -5.30
CA LYS A 64 -9.41 15.46 -6.22
C LYS A 64 -8.91 15.38 -7.65
N GLY A 65 -9.39 14.37 -8.38
CA GLY A 65 -9.05 14.22 -9.79
C GLY A 65 -10.33 14.23 -10.61
N ALA A 66 -10.22 13.90 -11.89
CA ALA A 66 -11.40 13.99 -12.77
C ALA A 66 -12.37 12.82 -12.54
N TYR A 67 -11.87 11.71 -12.01
CA TYR A 67 -12.67 10.50 -11.85
C TYR A 67 -12.96 10.14 -10.39
N GLY A 68 -12.57 11.00 -9.47
CA GLY A 68 -12.86 10.79 -8.08
C GLY A 68 -12.24 11.79 -7.13
N SER A 69 -12.35 11.52 -5.84
CA SER A 69 -11.74 12.38 -4.83
C SER A 69 -11.65 11.69 -3.49
N VAL A 70 -10.81 12.21 -2.61
CA VAL A 70 -10.80 11.79 -1.22
C VAL A 70 -11.09 13.01 -0.34
N TYR A 71 -12.02 12.83 0.60
CA TYR A 71 -12.38 13.86 1.57
C TYR A 71 -12.15 13.37 3.00
N VAL A 72 -11.80 14.27 3.91
CA VAL A 72 -11.84 13.93 5.34
C VAL A 72 -13.19 14.39 5.90
N GLY A 73 -13.71 13.61 6.84
CA GLY A 73 -14.99 13.90 7.45
C GLY A 73 -15.07 13.27 8.81
N LYS A 74 -16.28 13.15 9.36
CA LYS A 74 -16.43 12.62 10.70
C LYS A 74 -17.74 11.84 10.83
N HIS A 75 -17.67 10.68 11.49
CA HIS A 75 -18.87 9.93 11.89
C HIS A 75 -19.42 10.62 13.14
N LEU A 76 -20.59 11.23 13.03
CA LEU A 76 -21.07 12.11 14.09
C LEU A 76 -21.29 11.42 15.44
N LYS A 77 -21.80 10.20 15.41
CA LYS A 77 -22.12 9.48 16.63
C LYS A 77 -20.87 9.14 17.43
N SER A 78 -19.94 8.42 16.81
CA SER A 78 -18.73 7.99 17.49
C SER A 78 -17.73 9.15 17.64
N GLY A 79 -17.85 10.13 16.76
CA GLY A 79 -16.91 11.24 16.68
C GLY A 79 -15.67 10.93 15.86
N LYS A 80 -15.57 9.71 15.36
CA LYS A 80 -14.37 9.27 14.65
C LYS A 80 -14.18 9.96 13.29
N LYS A 81 -12.94 10.35 13.01
CA LYS A 81 -12.59 10.93 11.71
C LYS A 81 -12.52 9.83 10.66
N VAL A 82 -13.01 10.12 9.47
CA VAL A 82 -13.04 9.14 8.40
C VAL A 82 -12.50 9.71 7.10
N ALA A 83 -12.00 8.84 6.24
CA ALA A 83 -11.76 9.19 4.84
C ALA A 83 -12.98 8.79 4.03
N LEU A 84 -13.36 9.62 3.08
CA LEU A 84 -14.44 9.27 2.17
C LEU A 84 -13.86 9.23 0.77
N LYS A 85 -13.89 8.08 0.13
CA LYS A 85 -13.26 7.95 -1.17
C LYS A 85 -14.33 7.73 -2.23
N GLN A 86 -14.39 8.67 -3.18
CA GLN A 86 -15.39 8.62 -4.23
C GLN A 86 -14.74 8.34 -5.56
N GLU A 87 -15.37 7.48 -6.35
CA GLU A 87 -14.84 7.15 -7.67
C GLU A 87 -15.97 6.96 -8.69
N ARG A 88 -15.75 7.47 -9.90
CA ARG A 88 -16.59 7.25 -11.08
C ARG A 88 -15.75 6.57 -12.16
N PRO A 89 -16.25 5.47 -12.75
CA PRO A 89 -17.46 4.75 -12.35
C PRO A 89 -17.27 4.01 -11.05
N THR A 90 -18.33 3.35 -10.60
CA THR A 90 -18.29 2.60 -9.36
C THR A 90 -17.13 1.62 -9.36
N ASN A 91 -16.31 1.68 -8.33
CA ASN A 91 -15.20 0.74 -8.27
C ASN A 91 -15.59 -0.47 -7.39
N TYR A 92 -16.22 -1.45 -8.02
CA TYR A 92 -16.61 -2.68 -7.33
C TYR A 92 -15.39 -3.45 -6.92
N TRP A 93 -14.37 -3.42 -7.77
CA TRP A 93 -13.22 -4.30 -7.61
C TRP A 93 -12.46 -3.97 -6.35
N GLU A 94 -12.34 -2.67 -6.07
CA GLU A 94 -11.65 -2.22 -4.87
C GLU A 94 -12.31 -2.76 -3.61
N PHE A 95 -13.64 -2.72 -3.59
CA PHE A 95 -14.44 -3.27 -2.48
C PHE A 95 -14.25 -4.79 -2.34
N TYR A 96 -14.32 -5.50 -3.46
CA TYR A 96 -14.07 -6.93 -3.48
C TYR A 96 -12.71 -7.31 -2.83
N ILE A 97 -11.63 -6.66 -3.24
CA ILE A 97 -10.30 -6.97 -2.67
C ILE A 97 -10.28 -6.73 -1.17
N CYS A 98 -10.83 -5.60 -0.74
CA CYS A 98 -10.88 -5.28 0.68
CA CYS A 98 -10.86 -5.26 0.67
C CYS A 98 -11.65 -6.30 1.47
N LEU A 99 -12.82 -6.69 0.97
CA LEU A 99 -13.62 -7.74 1.61
C LEU A 99 -12.81 -9.04 1.71
N GLU A 100 -12.15 -9.45 0.63
CA GLU A 100 -11.37 -10.69 0.63
C GLU A 100 -10.19 -10.64 1.59
N ILE A 101 -9.48 -9.53 1.60
CA ILE A 101 -8.36 -9.39 2.52
C ILE A 101 -8.83 -9.68 3.95
N HIS A 102 -9.92 -9.03 4.38
CA HIS A 102 -10.30 -9.14 5.76
C HIS A 102 -11.03 -10.47 6.04
N SER A 103 -11.51 -11.15 5.01
CA SER A 103 -12.02 -12.51 5.21
C SER A 103 -10.90 -13.56 5.30
N ARG A 104 -9.74 -13.25 4.72
CA ARG A 104 -8.65 -14.23 4.68
C ARG A 104 -7.68 -14.03 5.82
N LEU A 105 -7.76 -12.89 6.49
CA LEU A 105 -6.86 -12.59 7.60
C LEU A 105 -7.10 -13.51 8.77
N THR A 106 -6.02 -14.02 9.36
CA THR A 106 -6.14 -14.80 10.59
C THR A 106 -5.23 -14.24 11.68
N SER A 107 -4.29 -13.39 11.29
CA SER A 107 -3.38 -12.73 12.24
C SER A 107 -3.98 -11.48 12.89
N GLU A 108 -4.15 -11.55 14.21
CA GLU A 108 -4.59 -10.41 15.01
C GLU A 108 -3.64 -9.20 14.85
N GLN A 109 -2.34 -9.49 14.74
CA GLN A 109 -1.33 -8.47 14.55
C GLN A 109 -1.50 -7.67 13.25
N MET A 110 -1.94 -8.35 12.18
CA MET A 110 -1.98 -7.74 10.86
C MET A 110 -3.28 -7.03 10.49
N ILE A 111 -4.32 -7.17 11.31
CA ILE A 111 -5.61 -6.59 10.97
C ILE A 111 -5.58 -5.04 10.78
N PRO A 112 -4.89 -4.30 11.68
CA PRO A 112 -4.82 -2.84 11.45
C PRO A 112 -4.00 -2.42 10.23
N SER A 113 -3.23 -3.32 9.62
CA SER A 113 -2.33 -2.85 8.58
C SER A 113 -2.89 -2.97 7.16
N TYR A 114 -4.18 -3.30 7.04
CA TYR A 114 -4.89 -3.21 5.76
C TYR A 114 -6.14 -2.39 5.94
N ALA A 115 -6.31 -1.37 5.09
CA ALA A 115 -7.53 -0.56 5.07
C ALA A 115 -8.78 -1.41 5.18
N HIS A 116 -9.72 -0.96 6.02
CA HIS A 116 -11.02 -1.63 6.18
C HIS A 116 -12.14 -0.64 5.79
N ILE A 117 -12.97 -1.05 4.84
CA ILE A 117 -14.09 -0.21 4.41
C ILE A 117 -15.22 -0.44 5.42
N ASP A 118 -15.45 0.58 6.25
CA ASP A 118 -16.47 0.52 7.29
C ASP A 118 -17.88 0.62 6.71
N TYR A 119 -18.00 1.47 5.69
CA TYR A 119 -19.31 1.69 5.05
C TYR A 119 -19.12 1.89 3.58
N ALA A 120 -20.07 1.39 2.80
CA ALA A 120 -20.02 1.59 1.35
C ALA A 120 -21.36 2.08 0.82
N LEU A 121 -21.30 3.18 0.07
CA LEU A 121 -22.47 3.71 -0.61
C LEU A 121 -22.26 3.44 -2.08
N VAL A 122 -23.06 2.53 -2.63
CA VAL A 122 -22.82 2.08 -4.00
C VAL A 122 -23.93 2.48 -4.97
N GLY A 123 -23.66 3.49 -5.79
CA GLY A 123 -24.63 3.97 -6.77
C GLY A 123 -24.45 3.34 -8.14
N ASN A 124 -25.38 3.63 -9.04
CA ASN A 124 -25.23 3.15 -10.41
C ASN A 124 -24.09 3.88 -11.10
N ASN A 125 -23.82 5.11 -10.65
CA ASN A 125 -22.85 6.01 -11.29
C ASN A 125 -21.49 6.07 -10.60
N SER A 126 -21.49 5.84 -9.30
CA SER A 126 -20.35 6.26 -8.48
C SER A 126 -20.40 5.50 -7.17
N SER A 127 -19.25 5.27 -6.56
CA SER A 127 -19.18 4.66 -5.23
C SER A 127 -18.57 5.65 -4.25
N VAL A 128 -18.95 5.54 -2.98
CA VAL A 128 -18.22 6.21 -1.91
C VAL A 128 -17.84 5.17 -0.83
N TYR A 129 -16.56 5.01 -0.56
CA TYR A 129 -16.09 4.12 0.50
C TYR A 129 -15.59 4.92 1.69
N ILE A 130 -16.02 4.51 2.88
CA ILE A 130 -15.64 5.18 4.12
C ILE A 130 -14.75 4.31 4.99
N SER A 131 -13.61 4.86 5.42
CA SER A 131 -12.68 4.11 6.25
C SER A 131 -12.04 5.01 7.30
N GLU A 132 -11.32 4.41 8.25
CA GLU A 132 -10.64 5.18 9.29
C GLU A 132 -9.63 6.17 8.67
N PHE A 133 -9.70 7.44 9.12
CA PHE A 133 -8.78 8.48 8.69
C PHE A 133 -7.49 8.46 9.51
N SER A 134 -6.34 8.54 8.85
CA SER A 134 -5.07 8.73 9.57
C SER A 134 -4.68 10.21 9.65
N ASP A 135 -4.46 10.73 10.86
CA ASP A 135 -4.05 12.12 10.98
C ASP A 135 -2.59 12.36 10.54
N TYR A 136 -1.84 11.28 10.30
CA TYR A 136 -0.45 11.43 9.89
C TYR A 136 -0.29 11.34 8.38
N GLY A 137 -1.29 10.80 7.69
CA GLY A 137 -1.26 10.78 6.24
C GLY A 137 -0.35 9.70 5.67
N SER A 138 0.05 9.85 4.42
CA SER A 138 0.83 8.80 3.76
C SER A 138 2.32 8.97 4.03
N LEU A 139 3.11 7.97 3.63
CA LEU A 139 4.56 8.10 3.77
C LEU A 139 5.12 9.27 2.96
N ILE A 140 4.44 9.66 1.89
CA ILE A 140 4.82 10.85 1.14
C ILE A 140 4.76 12.09 2.04
N GLY A 141 3.60 12.31 2.65
CA GLY A 141 3.41 13.44 3.54
C GLY A 141 4.35 13.41 4.74
N VAL A 142 4.57 12.22 5.31
CA VAL A 142 5.47 12.08 6.45
C VAL A 142 6.92 12.37 6.05
N CYS A 143 7.34 11.79 4.93
CA CYS A 143 8.71 11.96 4.47
C CYS A 143 9.03 13.43 4.14
N ASN A 144 8.08 14.09 3.50
CA ASN A 144 8.25 15.51 3.15
C ASN A 144 8.24 16.40 4.39
N LYS A 145 7.36 16.08 5.33
CA LYS A 145 7.32 16.79 6.60
C LYS A 145 8.67 16.69 7.33
N VAL A 146 9.14 15.47 7.50
CA VAL A 146 10.41 15.25 8.20
C VAL A 146 11.54 15.99 7.52
N LYS A 147 11.56 15.98 6.18
CA LYS A 147 12.66 16.62 5.44
C LYS A 147 12.61 18.15 5.53
N SER A 148 11.40 18.70 5.56
CA SER A 148 11.24 20.14 5.65
C SER A 148 11.65 20.66 7.04
N VAL A 149 11.46 19.85 8.08
CA VAL A 149 11.82 20.24 9.44
C VAL A 149 13.31 20.09 9.68
N THR A 150 13.88 18.97 9.26
CA THR A 150 15.29 18.67 9.55
C THR A 150 16.28 19.16 8.48
N ASN A 151 15.78 19.43 7.27
CA ASN A 151 16.64 19.63 6.11
C ASN A 151 17.62 18.48 5.87
N ARG A 152 17.22 17.29 6.29
CA ARG A 152 17.99 16.07 6.06
C ARG A 152 17.06 15.00 5.53
N ASN A 153 17.63 13.99 4.88
CA ASN A 153 16.89 12.78 4.54
C ASN A 153 16.38 12.09 5.82
N MET A 154 15.32 11.28 5.69
CA MET A 154 14.86 10.51 6.83
C MET A 154 16.02 9.67 7.38
N ASP A 155 16.07 9.54 8.70
CA ASP A 155 17.17 8.81 9.34
C ASP A 155 17.23 7.37 8.81
N GLU A 156 18.45 6.89 8.55
CA GLU A 156 18.63 5.56 8.00
C GLU A 156 17.95 4.49 8.88
N TYR A 157 18.04 4.63 10.19
CA TYR A 157 17.53 3.59 11.07
C TYR A 157 15.99 3.64 11.20
N VAL A 158 15.40 4.82 11.11
CA VAL A 158 13.95 4.94 11.04
C VAL A 158 13.46 4.25 9.77
N VAL A 159 14.20 4.39 8.68
CA VAL A 159 13.79 3.76 7.43
C VAL A 159 13.89 2.22 7.56
N MET A 160 14.91 1.73 8.28
CA MET A 160 14.99 0.29 8.56
C MET A 160 13.77 -0.18 9.31
N HIS A 161 13.38 0.60 10.30
CA HIS A 161 12.24 0.25 11.12
C HIS A 161 10.95 0.18 10.26
N LEU A 162 10.77 1.17 9.39
CA LEU A 162 9.61 1.21 8.50
C LEU A 162 9.66 0.12 7.44
N SER A 163 10.85 -0.18 6.91
CA SER A 163 11.01 -1.23 5.91
C SER A 163 10.68 -2.61 6.49
N CYS A 164 11.08 -2.82 7.73
CA CYS A 164 10.77 -4.04 8.45
C CYS A 164 9.25 -4.26 8.51
N GLN A 165 8.52 -3.17 8.76
CA GLN A 165 7.07 -3.19 8.85
C GLN A 165 6.45 -3.45 7.48
N MET A 166 6.94 -2.77 6.45
CA MET A 166 6.38 -2.96 5.11
C MET A 166 6.61 -4.36 4.61
N LEU A 167 7.77 -4.94 4.93
CA LEU A 167 8.05 -6.30 4.50
C LEU A 167 7.04 -7.26 5.11
N ASP A 168 6.72 -7.03 6.37
CA ASP A 168 5.81 -7.91 7.11
C ASP A 168 4.40 -7.82 6.52
N ILE A 169 3.99 -6.60 6.18
CA ILE A 169 2.67 -6.39 5.62
C ILE A 169 2.53 -7.03 4.25
N VAL A 170 3.56 -6.88 3.42
CA VAL A 170 3.52 -7.46 2.08
C VAL A 170 3.59 -8.99 2.18
N ASP A 171 4.46 -9.50 3.07
CA ASP A 171 4.58 -10.95 3.28
C ASP A 171 3.22 -11.58 3.62
N HIS A 172 2.50 -11.00 4.57
CA HIS A 172 1.19 -11.54 4.94
C HIS A 172 0.17 -11.36 3.82
N LEU A 173 0.28 -10.28 3.05
CA LEU A 173 -0.64 -10.07 1.92
C LEU A 173 -0.46 -11.14 0.86
N HIS A 174 0.80 -11.40 0.50
CA HIS A 174 1.11 -12.44 -0.48
C HIS A 174 0.74 -13.84 0.01
N ALA A 175 0.83 -14.05 1.32
CA ALA A 175 0.36 -15.30 1.92
C ALA A 175 -1.13 -15.51 1.68
N MET A 176 -1.86 -14.41 1.48
CA MET A 176 -3.29 -14.49 1.21
C MET A 176 -3.58 -14.56 -0.29
N GLY A 177 -2.54 -14.66 -1.10
CA GLY A 177 -2.72 -14.77 -2.55
C GLY A 177 -3.16 -13.48 -3.21
N ILE A 178 -2.79 -12.35 -2.63
CA ILE A 178 -3.13 -11.05 -3.19
C ILE A 178 -1.89 -10.28 -3.59
N ILE A 179 -1.90 -9.73 -4.80
CA ILE A 179 -0.86 -8.81 -5.25
C ILE A 179 -1.42 -7.38 -5.21
N HIS A 180 -0.82 -6.49 -4.42
CA HIS A 180 -1.35 -5.12 -4.30
C HIS A 180 -1.26 -4.40 -5.63
N ALA A 181 -0.09 -4.53 -6.25
CA ALA A 181 0.17 -4.06 -7.63
C ALA A 181 0.29 -2.55 -7.77
N ASP A 182 0.21 -1.82 -6.66
CA ASP A 182 0.41 -0.37 -6.70
C ASP A 182 1.17 0.06 -5.44
N ILE A 183 2.18 -0.71 -5.07
CA ILE A 183 3.02 -0.38 -3.92
C ILE A 183 3.83 0.88 -4.16
N LYS A 184 3.48 1.97 -3.48
CA LYS A 184 4.25 3.20 -3.55
C LYS A 184 4.05 3.95 -2.24
N PRO A 185 4.87 4.98 -1.95
CA PRO A 185 4.78 5.58 -0.62
C PRO A 185 3.40 6.20 -0.35
N ASP A 186 2.74 6.63 -1.43
CA ASP A 186 1.38 7.18 -1.41
C ASP A 186 0.38 6.21 -0.79
N ASN A 187 0.62 4.91 -0.94
CA ASN A 187 -0.39 3.96 -0.51
C ASN A 187 -0.08 3.24 0.80
N PHE A 188 0.92 3.74 1.54
CA PHE A 188 1.12 3.36 2.94
C PHE A 188 0.78 4.55 3.81
N LEU A 189 -0.11 4.37 4.79
CA LEU A 189 -0.42 5.39 5.77
C LEU A 189 0.34 5.13 7.06
N LEU A 190 0.76 6.19 7.74
CA LEU A 190 1.22 6.07 9.12
C LEU A 190 0.02 6.30 10.02
N MET A 191 -0.38 5.25 10.75
CA MET A 191 -1.61 5.28 11.55
C MET A 191 -1.38 5.85 12.95
N LYS A 192 -0.17 5.65 13.47
CA LYS A 192 0.16 6.06 14.82
C LYS A 192 1.68 6.20 14.95
N PRO A 193 2.16 6.82 16.04
CA PRO A 193 3.62 6.95 16.21
C PRO A 193 4.34 5.61 16.26
N ILE A 194 5.62 5.63 15.89
CA ILE A 194 6.47 4.43 15.85
C ILE A 194 6.84 3.99 17.26
N CYS A 195 6.83 2.68 17.50
CA CYS A 195 7.33 2.10 18.76
C CYS A 195 8.75 1.57 18.61
N ALA A 196 9.45 1.45 19.73
CA ALA A 196 10.83 0.98 19.73
C ALA A 196 10.92 -0.46 19.21
N ASP A 197 9.85 -1.22 19.43
CA ASP A 197 9.77 -2.60 18.96
C ASP A 197 9.44 -2.67 17.47
N PRO A 198 10.42 -3.14 16.66
CA PRO A 198 10.27 -3.21 15.20
C PRO A 198 9.06 -4.04 14.77
N ASN A 199 8.61 -4.95 15.64
CA ASN A 199 7.47 -5.83 15.35
C ASN A 199 6.12 -5.16 15.45
N GLU A 200 6.09 -4.02 16.13
CA GLU A 200 4.84 -3.30 16.25
C GLU A 200 4.52 -2.60 14.93
N VAL A 201 3.38 -2.93 14.35
CA VAL A 201 2.97 -2.32 13.09
C VAL A 201 2.28 -0.98 13.31
N SER A 202 2.83 0.06 12.69
CA SER A 202 2.22 1.40 12.71
C SER A 202 1.79 1.86 11.30
N LEU A 203 2.14 1.10 10.27
CA LEU A 203 1.69 1.39 8.91
C LEU A 203 0.40 0.65 8.51
N GLN A 204 -0.26 1.18 7.49
CA GLN A 204 -1.43 0.54 6.89
C GLN A 204 -1.36 0.67 5.38
N LEU A 205 -1.53 -0.44 4.69
CA LEU A 205 -1.60 -0.46 3.24
C LEU A 205 -3.04 -0.14 2.81
N ILE A 206 -3.18 0.78 1.86
CA ILE A 206 -4.47 1.22 1.35
C ILE A 206 -4.50 1.14 -0.16
N ASP A 207 -5.66 1.47 -0.75
CA ASP A 207 -5.83 1.62 -2.19
C ASP A 207 -5.62 0.31 -2.93
N PHE A 208 -6.60 -0.58 -2.81
CA PHE A 208 -6.58 -1.87 -3.49
C PHE A 208 -7.28 -1.80 -4.86
N GLY A 209 -7.32 -0.62 -5.45
CA GLY A 209 -8.03 -0.40 -6.71
C GLY A 209 -7.58 -1.27 -7.87
N VAL A 210 -6.29 -1.58 -7.96
CA VAL A 210 -5.82 -2.41 -9.06
C VAL A 210 -5.18 -3.73 -8.59
N SER A 211 -5.58 -4.19 -7.40
CA SER A 211 -4.96 -5.39 -6.84
C SER A 211 -5.34 -6.62 -7.65
N ILE A 212 -4.54 -7.67 -7.52
CA ILE A 212 -4.78 -8.92 -8.22
C ILE A 212 -5.05 -10.06 -7.24
N ASP A 213 -6.18 -10.74 -7.42
CA ASP A 213 -6.48 -11.90 -6.58
C ASP A 213 -6.09 -13.19 -7.29
N MET A 214 -4.98 -13.78 -6.85
CA MET A 214 -4.45 -14.99 -7.48
C MET A 214 -5.35 -16.22 -7.29
N LYS A 215 -6.22 -16.19 -6.29
CA LYS A 215 -7.10 -17.32 -6.07
C LYS A 215 -8.20 -17.38 -7.14
N LEU A 216 -8.33 -16.32 -7.93
CA LEU A 216 -9.32 -16.35 -9.01
C LEU A 216 -8.75 -16.98 -10.26
N PHE A 217 -7.45 -17.24 -10.26
CA PHE A 217 -6.76 -17.82 -11.41
C PHE A 217 -6.24 -19.21 -11.08
N PRO A 218 -5.95 -20.01 -12.10
CA PRO A 218 -5.31 -21.30 -11.83
C PRO A 218 -3.98 -21.13 -11.08
N ASP A 219 -3.57 -22.13 -10.31
CA ASP A 219 -2.23 -22.13 -9.75
C ASP A 219 -1.28 -22.02 -10.93
N ASN A 220 -0.08 -21.50 -10.69
CA ASN A 220 0.96 -21.43 -11.72
C ASN A 220 0.60 -20.46 -12.86
N GLN A 221 -0.42 -19.65 -12.62
CA GLN A 221 -0.73 -18.55 -13.52
C GLN A 221 0.32 -17.45 -13.42
N THR A 222 0.71 -16.87 -14.55
CA THR A 222 1.62 -15.73 -14.55
C THR A 222 1.08 -14.68 -15.52
N PHE A 223 1.71 -13.50 -15.51
CA PHE A 223 1.27 -12.38 -16.34
C PHE A 223 2.46 -11.79 -17.08
N ASN A 224 2.22 -11.21 -18.25
CA ASN A 224 3.32 -10.60 -18.99
C ASN A 224 3.05 -9.16 -19.42
N TYR A 225 1.93 -8.62 -18.96
CA TYR A 225 1.59 -7.22 -19.24
C TYR A 225 2.70 -6.28 -18.81
N VAL A 226 2.98 -5.28 -19.65
CA VAL A 226 4.06 -4.32 -19.44
C VAL A 226 3.51 -2.91 -19.20
N HIS A 227 3.82 -2.34 -18.03
CA HIS A 227 3.50 -0.95 -17.74
C HIS A 227 4.07 -0.04 -18.81
N HIS A 228 3.37 1.05 -19.12
CA HIS A 228 3.92 2.00 -20.08
C HIS A 228 5.02 2.87 -19.43
N ASP A 229 4.68 3.54 -18.34
CA ASP A 229 5.62 4.41 -17.62
C ASP A 229 6.81 3.61 -17.08
N ASP A 230 8.02 4.00 -17.48
CA ASP A 230 9.24 3.28 -17.10
C ASP A 230 9.44 3.20 -15.60
N LEU A 231 9.03 4.24 -14.88
CA LEU A 231 9.18 4.28 -13.43
C LEU A 231 8.48 3.10 -12.75
N PHE A 232 7.48 2.53 -13.40
CA PHE A 232 6.65 1.49 -12.80
C PHE A 232 6.89 0.10 -13.39
N LYS A 233 7.73 -0.01 -14.42
CA LYS A 233 8.10 -1.30 -14.97
C LYS A 233 8.95 -2.09 -13.98
N CYS A 234 8.51 -3.28 -13.59
CA CYS A 234 9.37 -4.14 -12.79
C CYS A 234 10.40 -4.80 -13.72
N ILE A 235 11.35 -5.51 -13.14
CA ILE A 235 12.46 -6.04 -13.94
C ILE A 235 11.96 -7.01 -15.02
N GLU A 236 11.00 -7.86 -14.67
CA GLU A 236 10.43 -8.79 -15.64
C GLU A 236 9.85 -8.04 -16.85
N MET A 237 9.15 -6.94 -16.58
CA MET A 237 8.56 -6.11 -17.63
C MET A 237 9.61 -5.48 -18.53
N ARG A 238 10.83 -5.35 -18.03
CA ARG A 238 11.90 -4.71 -18.79
C ARG A 238 12.68 -5.74 -19.63
N THR A 239 12.45 -7.02 -19.35
CA THR A 239 13.24 -8.07 -19.98
C THR A 239 12.35 -9.14 -20.62
N GLY A 240 11.12 -8.76 -20.93
CA GLY A 240 10.16 -9.64 -21.59
C GLY A 240 9.88 -10.95 -20.87
N ARG A 241 9.60 -10.89 -19.58
CA ARG A 241 9.45 -12.10 -18.79
C ARG A 241 8.17 -12.09 -17.97
N PRO A 242 7.67 -13.28 -17.57
CA PRO A 242 6.45 -13.32 -16.77
C PRO A 242 6.65 -12.85 -15.33
N TRP A 243 5.58 -12.34 -14.72
CA TRP A 243 5.65 -11.86 -13.35
C TRP A 243 4.36 -12.15 -12.60
N THR A 244 4.50 -12.28 -11.27
CA THR A 244 3.37 -12.30 -10.36
C THR A 244 3.71 -11.43 -9.15
N TYR A 245 4.09 -12.03 -8.04
CA TYR A 245 4.40 -11.28 -6.84
C TYR A 245 5.61 -10.34 -6.98
N GLN A 246 6.45 -10.56 -7.98
CA GLN A 246 7.62 -9.69 -8.20
C GLN A 246 7.26 -8.21 -8.35
N LEU A 247 6.08 -7.92 -8.89
CA LEU A 247 5.67 -6.54 -9.08
C LEU A 247 5.61 -5.77 -7.75
N ASP A 248 5.09 -6.41 -6.71
CA ASP A 248 5.03 -5.79 -5.39
C ASP A 248 6.41 -5.64 -4.75
N LEU A 249 7.29 -6.60 -5.03
CA LEU A 249 8.60 -6.60 -4.42
C LEU A 249 9.46 -5.50 -5.04
N TYR A 250 9.27 -5.28 -6.35
CA TYR A 250 9.83 -4.11 -7.03
C TYR A 250 9.33 -2.82 -6.37
N GLY A 251 8.03 -2.70 -6.16
CA GLY A 251 7.44 -1.53 -5.50
C GLY A 251 7.99 -1.27 -4.10
N LEU A 252 8.25 -2.34 -3.34
CA LEU A 252 8.83 -2.22 -2.00
C LEU A 252 10.18 -1.52 -2.04
N VAL A 253 11.00 -1.92 -3.00
CA VAL A 253 12.30 -1.30 -3.17
C VAL A 253 12.14 0.17 -3.51
N SER A 254 11.18 0.47 -4.39
CA SER A 254 11.00 1.84 -4.82
C SER A 254 10.60 2.72 -3.64
N VAL A 255 9.77 2.19 -2.74
CA VAL A 255 9.42 2.92 -1.53
C VAL A 255 10.62 3.13 -0.61
N MET A 256 11.41 2.08 -0.42
CA MET A 256 12.60 2.20 0.44
C MET A 256 13.53 3.27 -0.10
N HIS A 257 13.63 3.31 -1.42
CA HIS A 257 14.47 4.29 -2.11
C HIS A 257 14.01 5.72 -1.86
N VAL A 258 12.70 5.96 -1.95
CA VAL A 258 12.14 7.27 -1.66
C VAL A 258 12.39 7.66 -0.21
N LEU A 259 12.24 6.70 0.71
CA LEU A 259 12.46 6.96 2.14
C LEU A 259 13.91 7.31 2.44
N LEU A 260 14.83 6.60 1.80
CA LEU A 260 16.26 6.76 2.07
C LEU A 260 16.85 7.99 1.41
N PHE A 261 16.40 8.29 0.20
CA PHE A 261 17.10 9.26 -0.63
C PHE A 261 16.26 10.46 -1.01
N GLY A 262 14.97 10.41 -0.71
CA GLY A 262 14.11 11.53 -1.00
C GLY A 262 13.83 11.69 -2.48
N ARG A 263 14.23 10.70 -3.26
CA ARG A 263 13.91 10.73 -4.68
C ARG A 263 13.52 9.36 -5.21
N TYR A 264 13.01 9.38 -6.42
CA TYR A 264 12.33 8.26 -7.02
C TYR A 264 13.35 7.32 -7.67
N MET A 265 13.11 6.03 -7.57
CA MET A 265 14.07 5.04 -8.00
C MET A 265 14.15 4.88 -9.53
N GLU A 266 15.38 4.88 -10.03
CA GLU A 266 15.68 4.40 -11.37
C GLU A 266 16.50 3.13 -11.22
N VAL A 267 16.17 2.08 -11.97
CA VAL A 267 17.00 0.88 -11.96
C VAL A 267 17.81 0.75 -13.26
N VAL A 268 18.97 0.12 -13.15
CA VAL A 268 19.87 -0.14 -14.27
C VAL A 268 20.51 -1.50 -14.10
N GLN A 269 20.99 -2.08 -15.19
CA GLN A 269 21.81 -3.27 -15.06
C GLN A 269 23.18 -2.82 -14.58
N ARG A 270 23.71 -3.47 -13.55
CA ARG A 270 25.04 -3.14 -13.06
C ARG A 270 26.06 -3.80 -13.97
N SER A 271 26.19 -3.24 -15.17
CA SER A 271 27.09 -3.73 -16.19
C SER A 271 28.50 -3.88 -15.66
N PRO A 272 29.24 -4.92 -16.12
CA PRO A 272 28.83 -5.91 -17.14
C PRO A 272 28.02 -7.11 -16.63
N SER A 273 27.52 -7.07 -15.40
CA SER A 273 26.64 -8.14 -14.93
C SER A 273 25.21 -7.89 -15.40
N THR A 274 24.35 -8.89 -15.26
CA THR A 274 22.95 -8.74 -15.64
C THR A 274 22.06 -8.36 -14.46
N ILE A 275 22.66 -8.23 -13.27
CA ILE A 275 21.93 -7.86 -12.06
C ILE A 275 21.36 -6.46 -12.14
N TRP A 276 20.09 -6.30 -11.74
CA TRP A 276 19.49 -4.97 -11.69
C TRP A 276 19.55 -4.38 -10.29
N MET A 277 19.95 -3.10 -10.23
CA MET A 277 20.07 -2.37 -8.96
C MET A 277 19.63 -0.93 -9.18
N PRO A 278 19.29 -0.20 -8.10
CA PRO A 278 19.02 1.23 -8.26
C PRO A 278 20.24 1.96 -8.80
N LYS A 279 20.02 3.04 -9.56
CA LYS A 279 21.17 3.81 -10.05
C LYS A 279 21.91 4.46 -8.89
N THR A 280 21.15 4.90 -7.89
CA THR A 280 21.71 5.56 -6.72
C THR A 280 22.61 4.63 -5.93
N ASN A 281 23.76 5.14 -5.52
CA ASN A 281 24.65 4.36 -4.69
C ASN A 281 24.36 4.54 -3.22
N VAL A 282 24.20 3.44 -2.52
CA VAL A 282 24.13 3.47 -1.07
C VAL A 282 25.46 3.97 -0.52
N PRO A 283 25.44 5.04 0.30
CA PRO A 283 26.65 5.55 0.96
C PRO A 283 27.40 4.45 1.72
N ARG A 284 28.73 4.56 1.75
CA ARG A 284 29.55 3.52 2.38
C ARG A 284 29.37 3.43 3.87
N TYR A 285 28.95 4.53 4.47
CA TYR A 285 28.75 4.57 5.91
C TYR A 285 27.32 4.21 6.31
N PHE A 286 26.43 4.02 5.32
CA PHE A 286 25.15 3.37 5.58
C PHE A 286 25.46 1.91 5.85
N GLN A 287 24.45 1.12 6.21
CA GLN A 287 24.66 -0.32 6.26
C GLN A 287 24.61 -0.84 4.83
N ARG A 288 25.62 -0.49 4.05
CA ARG A 288 25.57 -0.68 2.60
C ARG A 288 25.39 -2.15 2.18
N THR A 289 26.16 -3.04 2.79
CA THR A 289 26.05 -4.45 2.46
C THR A 289 24.63 -4.96 2.69
N MET A 290 24.03 -4.56 3.80
CA MET A 290 22.65 -4.92 4.10
C MET A 290 21.65 -4.41 3.06
N TRP A 291 21.71 -3.13 2.74
CA TRP A 291 20.77 -2.54 1.78
C TRP A 291 20.92 -3.16 0.39
N GLU A 292 22.18 -3.34 -0.04
CA GLU A 292 22.45 -3.99 -1.31
C GLU A 292 21.88 -5.41 -1.34
N ASN A 293 22.06 -6.19 -0.26
CA ASN A 293 21.42 -7.50 -0.17
C ASN A 293 19.89 -7.39 -0.36
N ILE A 294 19.28 -6.46 0.36
CA ILE A 294 17.84 -6.28 0.33
C ILE A 294 17.40 -5.90 -1.10
N PHE A 295 18.00 -4.86 -1.67
CA PHE A 295 17.60 -4.41 -3.01
C PHE A 295 17.83 -5.49 -4.06
N ARG A 296 18.98 -6.14 -4.02
CA ARG A 296 19.33 -7.18 -5.00
C ARG A 296 18.37 -8.36 -4.92
N THR A 297 18.09 -8.80 -3.71
CA THR A 297 17.19 -9.93 -3.48
C THR A 297 15.76 -9.65 -3.98
N LEU A 298 15.29 -8.42 -3.75
CA LEU A 298 13.92 -8.08 -4.12
C LEU A 298 13.76 -7.79 -5.62
N LEU A 299 14.85 -7.33 -6.26
CA LEU A 299 14.81 -6.94 -7.66
C LEU A 299 15.18 -8.07 -8.62
N ASN A 300 15.93 -9.06 -8.14
CA ASN A 300 16.45 -10.10 -9.03
C ASN A 300 15.96 -11.47 -8.61
N ILE A 301 14.90 -11.91 -9.28
CA ILE A 301 14.15 -13.10 -8.94
C ILE A 301 14.08 -14.02 -10.16
N ARG A 302 14.48 -15.28 -9.97
CA ARG A 302 14.61 -16.24 -11.05
C ARG A 302 13.33 -16.45 -11.86
N ASP A 303 12.24 -16.74 -11.17
CA ASP A 303 10.97 -17.01 -11.82
C ASP A 303 9.81 -16.86 -10.85
N CYS A 304 8.61 -17.15 -11.33
CA CYS A 304 7.40 -16.95 -10.55
C CYS A 304 7.11 -18.10 -9.58
N ARG A 305 7.88 -19.17 -9.66
CA ARG A 305 7.59 -20.35 -8.83
C ARG A 305 8.05 -20.16 -7.39
N THR A 306 9.07 -19.32 -7.20
CA THR A 306 9.64 -19.15 -5.86
C THR A 306 10.02 -17.70 -5.59
N MET A 307 9.37 -17.12 -4.58
CA MET A 307 9.67 -15.76 -4.17
C MET A 307 10.73 -15.76 -3.09
N PRO A 308 11.53 -14.68 -3.00
CA PRO A 308 12.55 -14.64 -1.94
C PRO A 308 11.91 -14.67 -0.56
N ASN A 309 12.68 -15.08 0.44
CA ASN A 309 12.19 -15.11 1.81
C ASN A 309 12.18 -13.70 2.40
N LEU A 310 10.99 -13.12 2.56
CA LEU A 310 10.90 -11.73 3.06
C LEU A 310 11.22 -11.65 4.55
N GLN A 311 10.96 -12.72 5.29
CA GLN A 311 11.25 -12.71 6.72
C GLN A 311 12.76 -12.73 6.97
N GLN A 312 13.53 -13.29 6.04
CA GLN A 312 15.00 -13.26 6.18
C GLN A 312 15.51 -11.82 6.05
N LEU A 313 14.87 -11.04 5.19
CA LEU A 313 15.24 -9.65 5.02
C LEU A 313 14.92 -8.85 6.27
N ARG A 314 13.74 -9.12 6.87
CA ARG A 314 13.38 -8.50 8.13
C ARG A 314 14.41 -8.79 9.23
N THR A 315 14.87 -10.04 9.29
CA THR A 315 15.92 -10.43 10.23
C THR A 315 17.20 -9.59 10.03
N GLN A 316 17.59 -9.35 8.78
CA GLN A 316 18.77 -8.53 8.50
C GLN A 316 18.60 -7.10 9.02
N LEU A 317 17.42 -6.53 8.79
CA LEU A 317 17.11 -5.20 9.33
C LEU A 317 17.10 -5.18 10.85
N LYS A 318 16.54 -6.21 11.48
CA LYS A 318 16.47 -6.22 12.94
C LYS A 318 17.86 -6.38 13.55
N CYS A 319 18.72 -7.10 12.86
CA CYS A 319 20.10 -7.24 13.36
C CYS A 319 20.83 -5.89 13.35
N ALA A 320 20.61 -5.11 12.30
CA ALA A 320 21.23 -3.79 12.21
C ALA A 320 20.63 -2.83 13.23
N LEU A 321 19.31 -2.93 13.43
CA LEU A 321 18.65 -2.12 14.45
C LEU A 321 19.15 -2.48 15.86
N ALA A 322 19.40 -3.77 16.09
CA ALA A 322 19.87 -4.24 17.39
C ALA A 322 21.28 -3.74 17.74
N GLU A 323 22.13 -3.50 16.74
CA GLU A 323 23.50 -3.03 17.01
C GLU A 323 23.51 -1.64 17.63
N LYS A 324 22.45 -0.87 17.39
CA LYS A 324 22.43 0.52 17.86
C LYS A 324 21.14 0.89 18.58
N GLU A 325 20.73 0.07 19.55
CA GLU A 325 19.45 0.27 20.21
C GLU A 325 19.27 1.65 20.85
N LYS A 326 20.35 2.21 21.40
CA LYS A 326 20.28 3.52 22.03
C LYS A 326 20.02 4.63 21.01
N TYR A 327 20.82 4.63 19.94
CA TYR A 327 20.64 5.59 18.86
C TYR A 327 19.26 5.44 18.21
N VAL A 328 18.82 4.22 17.99
CA VAL A 328 17.53 3.96 17.35
C VAL A 328 16.39 4.53 18.19
N ALA A 329 16.42 4.29 19.49
CA ALA A 329 15.38 4.82 20.37
C ALA A 329 15.35 6.34 20.29
N GLU A 330 16.53 6.95 20.23
CA GLU A 330 16.65 8.40 20.11
C GLU A 330 16.12 8.90 18.77
N ALA A 331 16.44 8.22 17.67
CA ALA A 331 15.99 8.65 16.34
C ALA A 331 14.47 8.55 16.19
N ILE A 332 13.89 7.49 16.75
CA ILE A 332 12.45 7.28 16.68
C ILE A 332 11.73 8.35 17.49
N SER A 333 12.29 8.68 18.65
CA SER A 333 11.73 9.74 19.47
C SER A 333 11.72 11.10 18.74
N LYS A 334 12.82 11.43 18.06
CA LYS A 334 12.88 12.68 17.28
C LYS A 334 11.88 12.66 16.13
N PHE A 335 11.74 11.50 15.49
CA PHE A 335 10.80 11.27 14.41
C PHE A 335 9.38 11.49 14.88
N ASN A 336 9.02 10.82 15.97
CA ASN A 336 7.69 10.96 16.53
C ASN A 336 7.42 12.42 16.95
N THR A 337 8.42 13.07 17.54
CA THR A 337 8.22 14.46 17.99
C THR A 337 7.95 15.42 16.82
N ILE A 338 8.70 15.27 15.73
CA ILE A 338 8.46 16.04 14.50
C ILE A 338 7.01 15.95 14.03
N LEU A 339 6.43 14.77 14.20
CA LEU A 339 5.12 14.49 13.61
C LEU A 339 3.95 14.68 14.56
N GLN A 340 4.21 15.16 15.78
CA GLN A 340 3.16 15.28 16.79
C GLN A 340 1.97 16.12 16.36
#